data_3QPW
#
_entry.id   3QPW
#
_cell.length_a   102.709
_cell.length_b   102.709
_cell.length_c   257.044
_cell.angle_alpha   90.00
_cell.angle_beta   90.00
_cell.angle_gamma   120.00
#
_symmetry.space_group_name_H-M   'P 65 2 2'
#
loop_
_entity.id
_entity.type
_entity.pdbx_description
1 polymer '6-phosphofructo-2-kinase/fructose-2,6-bisphosphatase 3'
2 non-polymer 'TETRAFLUOROALUMINATE ION'
3 non-polymer "ADENOSINE-5'-DIPHOSPHATE"
4 non-polymer PHOSPHOENOLPYRUVATE
5 non-polymer 'CHLORIDE ION'
6 water water
#
_entity_poly.entity_id   1
_entity_poly.type   'polypeptide(L)'
_entity_poly.pdbx_seq_one_letter_code
;MPLELTQSRVQKIWVPVDHRPSLPRSCGPKLTNSPTVIVMVGLPARGKTYISKKLTRYLNWIGVPTKVFNVGEYRREAVK
QYSSYNFFRPDNEEAMKVRKQCALAALRDVKSYLAKEGGQIAVFDATNTTRERRHMILHFAKENDFKAFFIESVCDDPTV
VASNIMEVKISSPDYKDCNSAEAMDDFMKRISCYEASYQPLDPDKCDRDLSLIKVIDVGRRFLVNRVQDHIQSRIVYYLM
NIHVQPRTIYLCRHGENEHNLQGRIGGDSGLSSRGKKFASALSKFVEEQNLKDLRVWTSQLKSTIQTAEALRLPYEQWKA
LNEIDAGVCEELTYEEIRDTYPEEYALREQDKYYYRYPTGESYQDLVQRLEPVIMELERQENVLVICHQAVLRCLLAYFL
DKSAEEMPYLKCPLHTVLKLTPVAYGCRVESIYLNVESVCTHRERSEDAKKGPNPLMRRNSVTPLASPEPTKKPRINSFE
EHVASTSAALPSCLPPEVPTQLPGQNMKGSRSSADSSRKH
;
_entity_poly.pdbx_strand_id   A
#
# COMPACT_ATOMS: atom_id res chain seq x y z
N GLU A 4 -18.25 2.12 -35.81
CA GLU A 4 -18.15 0.67 -35.43
C GLU A 4 -17.20 0.44 -34.23
N LEU A 5 -17.83 0.14 -33.09
CA LEU A 5 -17.14 -0.17 -31.85
C LEU A 5 -17.53 -1.57 -31.48
N THR A 6 -16.59 -2.27 -30.87
CA THR A 6 -16.88 -3.55 -30.22
C THR A 6 -16.53 -3.49 -28.68
N GLN A 7 -17.28 -4.20 -27.86
CA GLN A 7 -16.95 -4.30 -26.47
C GLN A 7 -15.93 -5.43 -26.16
N SER A 8 -14.76 -5.08 -25.63
CA SER A 8 -13.80 -6.09 -25.19
C SER A 8 -14.47 -7.13 -24.25
N ARG A 9 -14.09 -8.41 -24.36
CA ARG A 9 -14.82 -9.50 -23.66
C ARG A 9 -14.62 -9.53 -22.16
N VAL A 10 -13.38 -9.30 -21.74
CA VAL A 10 -13.04 -9.39 -20.33
C VAL A 10 -13.46 -8.08 -19.61
N GLN A 11 -12.87 -6.94 -20.01
CA GLN A 11 -13.09 -5.68 -19.29
C GLN A 11 -14.37 -4.91 -19.71
N LYS A 12 -14.99 -5.35 -20.80
CA LYS A 12 -16.22 -4.75 -21.36
C LYS A 12 -16.01 -3.31 -21.75
N ILE A 13 -14.87 -2.99 -22.36
CA ILE A 13 -14.54 -1.60 -22.74
C ILE A 13 -14.87 -1.49 -24.24
N TRP A 14 -15.64 -0.46 -24.64
CA TRP A 14 -15.86 -0.14 -26.04
C TRP A 14 -14.62 0.41 -26.72
N VAL A 15 -14.20 -0.27 -27.79
CA VAL A 15 -12.97 0.07 -28.53
C VAL A 15 -13.29 0.14 -30.07
N PRO A 16 -12.61 1.03 -30.84
CA PRO A 16 -12.90 1.02 -32.29
C PRO A 16 -12.54 -0.33 -32.91
N VAL A 17 -13.47 -1.01 -33.62
CA VAL A 17 -13.11 -2.25 -34.38
C VAL A 17 -11.80 -1.99 -35.11
N ASP A 18 -10.80 -2.80 -34.79
CA ASP A 18 -9.49 -2.62 -35.39
C ASP A 18 -9.46 -3.63 -36.54
N HIS A 19 -10.08 -3.26 -37.66
CA HIS A 19 -9.97 -4.04 -38.90
C HIS A 19 -8.58 -3.84 -39.44
N ARG A 20 -7.64 -4.47 -38.74
CA ARG A 20 -6.21 -4.52 -39.08
C ARG A 20 -6.00 -4.83 -40.57
N PRO A 21 -5.08 -4.07 -41.20
CA PRO A 21 -4.60 -4.35 -42.54
C PRO A 21 -3.85 -5.70 -42.55
N SER A 22 -3.54 -6.20 -43.75
CA SER A 22 -2.94 -7.52 -43.89
C SER A 22 -1.57 -7.67 -43.20
N LEU A 23 -0.82 -6.57 -43.12
CA LEU A 23 0.35 -6.46 -42.22
C LEU A 23 0.02 -5.67 -40.91
N PRO A 24 -0.54 -6.39 -39.88
CA PRO A 24 -0.83 -5.66 -38.61
C PRO A 24 0.46 -5.01 -38.06
N ARG A 25 0.39 -3.74 -37.71
CA ARG A 25 1.52 -3.06 -37.09
C ARG A 25 1.23 -2.86 -35.62
N SER A 26 2.21 -3.19 -34.78
CA SER A 26 2.32 -2.67 -33.41
C SER A 26 3.42 -1.61 -33.33
N ASN A 33 2.73 9.94 -19.36
CA ASN A 33 4.02 9.99 -20.05
C ASN A 33 5.19 9.72 -19.05
N SER A 34 6.20 10.61 -19.02
CA SER A 34 7.48 10.39 -18.29
C SER A 34 7.44 9.59 -16.98
N PRO A 35 8.32 8.57 -16.87
CA PRO A 35 8.50 7.88 -15.61
C PRO A 35 9.05 8.83 -14.57
N THR A 36 8.85 8.49 -13.30
CA THR A 36 9.35 9.36 -12.20
C THR A 36 10.27 8.62 -11.26
N VAL A 37 11.36 9.30 -10.94
CA VAL A 37 12.23 8.86 -9.84
C VAL A 37 11.90 9.66 -8.61
N ILE A 38 11.45 8.97 -7.59
CA ILE A 38 11.25 9.61 -6.29
C ILE A 38 12.56 9.44 -5.47
N VAL A 39 13.10 10.56 -5.02
CA VAL A 39 14.38 10.57 -4.37
C VAL A 39 14.11 10.80 -2.88
N MET A 40 14.30 9.78 -2.05
CA MET A 40 14.32 9.96 -0.60
C MET A 40 15.55 10.76 -0.10
N VAL A 41 15.34 11.62 0.88
CA VAL A 41 16.38 12.43 1.48
C VAL A 41 16.23 12.44 3.04
N GLY A 42 17.34 12.26 3.76
CA GLY A 42 17.35 12.45 5.20
C GLY A 42 18.33 11.55 5.95
N LEU A 43 18.59 11.94 7.20
CA LEU A 43 19.43 11.21 8.10
C LEU A 43 18.90 9.79 8.32
N PRO A 44 19.77 8.86 8.73
CA PRO A 44 19.29 7.53 9.07
C PRO A 44 18.22 7.56 10.18
N ALA A 45 17.28 6.60 10.12
CA ALA A 45 16.19 6.43 11.11
C ALA A 45 15.23 7.63 11.13
N ARG A 46 14.96 8.17 9.93
CA ARG A 46 13.98 9.22 9.73
C ARG A 46 12.68 8.69 9.01
N GLY A 47 12.58 7.39 8.80
CA GLY A 47 11.38 6.87 8.16
C GLY A 47 11.47 6.75 6.65
N LYS A 48 12.67 6.95 6.06
CA LYS A 48 12.79 6.95 4.59
C LYS A 48 12.32 5.65 3.95
N THR A 49 12.73 4.52 4.57
CA THR A 49 12.40 3.19 4.08
C THR A 49 10.92 2.82 4.36
N TYR A 50 10.43 3.19 5.54
CA TYR A 50 9.03 3.03 5.91
C TYR A 50 8.13 3.79 4.85
N ILE A 51 8.46 5.05 4.58
CA ILE A 51 7.76 5.81 3.58
C ILE A 51 7.86 5.18 2.20
N SER A 52 9.06 4.75 1.80
CA SER A 52 9.29 4.21 0.48
C SER A 52 8.38 2.99 0.28
N LYS A 53 8.33 2.10 1.26
CA LYS A 53 7.57 0.87 1.13
C LYS A 53 6.05 1.13 1.18
N LYS A 54 5.59 1.98 2.09
CA LYS A 54 4.16 2.24 2.27
C LYS A 54 3.62 3.04 1.07
N LEU A 55 4.34 4.06 0.63
CA LEU A 55 3.97 4.71 -0.61
C LEU A 55 3.86 3.77 -1.83
N THR A 56 4.83 2.84 -1.96
CA THR A 56 4.90 1.90 -3.07
C THR A 56 3.73 0.91 -3.03
N ARG A 57 3.40 0.49 -1.81
CA ARG A 57 2.25 -0.36 -1.51
C ARG A 57 0.99 0.30 -2.03
N TYR A 58 0.82 1.57 -1.63
CA TYR A 58 -0.26 2.42 -2.09
C TYR A 58 -0.32 2.58 -3.62
N LEU A 59 0.80 2.94 -4.25
CA LEU A 59 0.82 3.23 -5.68
C LEU A 59 0.55 1.99 -6.51
N ASN A 60 1.11 0.85 -6.09
CA ASN A 60 0.83 -0.40 -6.78
C ASN A 60 -0.63 -0.77 -6.65
N TRP A 61 -1.22 -0.59 -5.46
CA TRP A 61 -2.62 -1.02 -5.24
C TRP A 61 -3.56 -0.21 -6.16
N ILE A 62 -3.29 1.10 -6.27
CA ILE A 62 -4.10 1.93 -7.18
C ILE A 62 -3.66 1.78 -8.66
N GLY A 63 -2.82 0.80 -9.00
CA GLY A 63 -2.47 0.56 -10.40
C GLY A 63 -1.31 1.38 -10.98
N VAL A 64 -0.49 2.03 -10.15
CA VAL A 64 0.73 2.66 -10.71
C VAL A 64 1.98 1.77 -10.43
N PRO A 65 2.58 1.09 -11.45
CA PRO A 65 3.74 0.18 -11.20
C PRO A 65 4.93 0.91 -10.52
N THR A 66 5.21 0.49 -9.29
CA THR A 66 6.19 1.18 -8.45
C THR A 66 7.10 0.18 -7.83
N LYS A 67 8.38 0.56 -7.71
CA LYS A 67 9.35 -0.30 -7.05
C LYS A 67 10.37 0.45 -6.19
N VAL A 68 10.68 -0.15 -5.04
CA VAL A 68 11.69 0.45 -4.13
C VAL A 68 13.11 -0.03 -4.48
N PHE A 69 14.04 0.93 -4.52
CA PHE A 69 15.47 0.65 -4.76
C PHE A 69 16.17 1.11 -3.48
N ASN A 70 16.35 0.15 -2.59
CA ASN A 70 16.90 0.45 -1.29
C ASN A 70 18.45 0.27 -1.38
N VAL A 71 19.18 1.38 -1.48
CA VAL A 71 20.66 1.32 -1.58
C VAL A 71 21.36 0.50 -0.44
N GLY A 72 20.88 0.65 0.77
CA GLY A 72 21.33 -0.15 1.89
C GLY A 72 21.30 -1.66 1.64
N GLU A 73 20.26 -2.13 0.94
CA GLU A 73 20.19 -3.54 0.56
C GLU A 73 21.21 -3.88 -0.51
N TYR A 74 21.46 -2.98 -1.46
CA TYR A 74 22.59 -3.20 -2.40
C TYR A 74 23.93 -3.30 -1.65
N ARG A 75 24.09 -2.47 -0.60
CA ARG A 75 25.32 -2.46 0.20
C ARG A 75 25.43 -3.73 1.04
N ARG A 76 24.34 -4.19 1.66
CA ARG A 76 24.33 -5.44 2.40
C ARG A 76 24.74 -6.63 1.55
N GLU A 77 24.31 -6.62 0.31
CA GLU A 77 24.59 -7.68 -0.62
C GLU A 77 26.03 -7.58 -1.16
N ALA A 78 26.59 -6.38 -1.19
CA ALA A 78 27.91 -6.16 -1.78
C ALA A 78 29.04 -6.47 -0.77
N VAL A 79 28.74 -6.30 0.52
CA VAL A 79 29.74 -6.23 1.58
C VAL A 79 29.62 -7.41 2.57
N LYS A 80 28.46 -8.04 2.60
CA LYS A 80 28.34 -9.40 3.19
C LYS A 80 28.08 -9.43 4.75
N GLN A 81 28.97 -8.86 5.58
CA GLN A 81 28.58 -8.66 6.99
C GLN A 81 28.96 -7.30 7.57
N TYR A 82 28.00 -6.67 8.23
CA TYR A 82 28.19 -5.41 8.92
C TYR A 82 28.79 -5.63 10.33
N SER A 83 29.86 -4.90 10.63
CA SER A 83 30.41 -4.90 12.00
C SER A 83 30.21 -3.59 12.72
N SER A 84 30.47 -2.45 12.09
CA SER A 84 30.30 -1.21 12.86
C SER A 84 30.04 0.01 12.06
N TYR A 85 29.58 1.06 12.74
CA TYR A 85 29.41 2.40 12.16
C TYR A 85 30.65 2.93 11.46
N ASN A 86 31.82 2.30 11.73
CA ASN A 86 33.08 2.71 11.07
C ASN A 86 32.97 2.70 9.55
N PHE A 87 32.12 1.80 9.05
CA PHE A 87 31.86 1.69 7.58
C PHE A 87 31.30 3.02 7.04
N PHE A 88 30.52 3.71 7.88
CA PHE A 88 29.87 4.99 7.43
C PHE A 88 30.67 6.29 7.73
N ARG A 89 31.89 6.16 8.25
CA ARG A 89 32.71 7.36 8.52
C ARG A 89 32.94 8.12 7.22
N PRO A 90 32.82 9.45 7.23
CA PRO A 90 33.14 10.18 6.00
C PRO A 90 34.62 10.14 5.57
N ASP A 91 35.53 9.75 6.48
CA ASP A 91 36.98 9.61 6.14
C ASP A 91 37.31 8.22 5.62
N ASN A 92 36.28 7.38 5.46
CA ASN A 92 36.46 5.99 5.00
C ASN A 92 36.40 5.90 3.50
N GLU A 93 37.56 6.02 2.86
CA GLU A 93 37.69 6.14 1.40
C GLU A 93 37.14 4.96 0.61
N GLU A 94 37.48 3.76 1.04
CA GLU A 94 37.02 2.54 0.41
C GLU A 94 35.48 2.35 0.56
N ALA A 95 34.94 2.46 1.78
CA ALA A 95 33.50 2.38 2.04
C ALA A 95 32.75 3.49 1.27
N MET A 96 33.32 4.69 1.15
CA MET A 96 32.67 5.76 0.35
C MET A 96 32.48 5.34 -1.10
N LYS A 97 33.47 4.63 -1.64
CA LYS A 97 33.44 4.26 -3.03
C LYS A 97 32.54 3.03 -3.25
N VAL A 98 32.50 2.14 -2.25
CA VAL A 98 31.51 1.06 -2.21
C VAL A 98 30.04 1.61 -2.15
N ARG A 99 29.76 2.50 -1.20
CA ARG A 99 28.52 3.26 -1.12
C ARG A 99 28.15 3.93 -2.42
N LYS A 100 29.09 4.66 -3.03
CA LYS A 100 28.81 5.28 -4.31
C LYS A 100 28.49 4.26 -5.43
N GLN A 101 29.22 3.13 -5.47
CA GLN A 101 29.04 2.09 -6.48
C GLN A 101 27.66 1.43 -6.31
N CYS A 102 27.22 1.29 -5.06
CA CYS A 102 25.94 0.72 -4.73
C CYS A 102 24.81 1.65 -5.23
N ALA A 103 25.00 2.95 -5.05
CA ALA A 103 24.08 3.91 -5.53
C ALA A 103 23.94 3.86 -7.07
N LEU A 104 25.08 3.75 -7.77
CA LEU A 104 25.12 3.68 -9.26
C LEU A 104 24.54 2.39 -9.82
N ALA A 105 24.77 1.29 -9.12
CA ALA A 105 24.17 0.03 -9.42
C ALA A 105 22.61 0.07 -9.20
N ALA A 106 22.15 0.66 -8.06
CA ALA A 106 20.73 0.97 -7.90
C ALA A 106 20.13 1.81 -9.05
N LEU A 107 20.81 2.92 -9.41
CA LEU A 107 20.43 3.75 -10.54
C LEU A 107 20.35 3.03 -11.90
N ARG A 108 21.28 2.08 -12.13
CA ARG A 108 21.28 1.20 -13.30
CA ARG A 108 21.25 1.23 -13.32
C ARG A 108 19.96 0.42 -13.33
N ASP A 109 19.62 -0.16 -12.20
CA ASP A 109 18.39 -0.92 -12.05
C ASP A 109 17.11 -0.05 -12.19
N VAL A 110 17.17 1.20 -11.72
CA VAL A 110 16.11 2.23 -11.86
C VAL A 110 15.86 2.49 -13.36
N LYS A 111 16.94 2.76 -14.10
CA LYS A 111 16.91 2.94 -15.55
C LYS A 111 16.25 1.76 -16.25
N SER A 112 16.66 0.58 -15.89
CA SER A 112 16.09 -0.60 -16.51
C SER A 112 14.60 -0.78 -16.16
N TYR A 113 14.24 -0.54 -14.90
CA TYR A 113 12.87 -0.71 -14.45
C TYR A 113 11.95 0.25 -15.16
N LEU A 114 12.35 1.51 -15.26
CA LEU A 114 11.54 2.56 -15.86
C LEU A 114 11.53 2.55 -17.40
N ALA A 115 12.72 2.38 -18.01
CA ALA A 115 12.85 2.47 -19.46
C ALA A 115 12.62 1.16 -20.17
N LYS A 116 12.62 0.02 -19.49
CA LYS A 116 12.51 -1.27 -20.17
C LYS A 116 11.56 -2.26 -19.53
N GLU A 117 11.24 -2.09 -18.25
CA GLU A 117 10.40 -3.13 -17.65
C GLU A 117 8.95 -2.70 -17.42
N GLY A 118 8.60 -1.49 -17.85
CA GLY A 118 7.23 -0.96 -17.70
C GLY A 118 6.89 -0.24 -16.38
N GLY A 119 7.92 0.06 -15.57
CA GLY A 119 7.72 0.74 -14.29
C GLY A 119 7.43 2.18 -14.54
N GLN A 120 6.67 2.79 -13.64
CA GLN A 120 6.30 4.17 -13.74
C GLN A 120 7.01 4.98 -12.70
N ILE A 121 7.13 4.41 -11.53
CA ILE A 121 7.70 5.14 -10.37
C ILE A 121 8.77 4.26 -9.76
N ALA A 122 9.99 4.81 -9.72
CA ALA A 122 11.10 4.20 -9.02
C ALA A 122 11.34 4.96 -7.69
N VAL A 123 11.25 4.29 -6.55
CA VAL A 123 11.56 4.98 -5.28
C VAL A 123 13.05 4.71 -4.90
N PHE A 124 13.88 5.76 -5.07
CA PHE A 124 15.34 5.72 -4.85
C PHE A 124 15.58 6.03 -3.38
N ASP A 125 15.69 4.96 -2.60
CA ASP A 125 15.76 5.04 -1.15
C ASP A 125 17.23 4.99 -0.70
N ALA A 126 17.79 6.16 -0.33
CA ALA A 126 19.12 6.28 0.26
C ALA A 126 19.05 7.54 1.10
N THR A 127 20.12 7.86 1.84
CA THR A 127 20.25 9.16 2.56
C THR A 127 20.18 10.37 1.66
N ASN A 128 20.93 10.39 0.57
CA ASN A 128 20.96 11.55 -0.33
C ASN A 128 21.03 12.91 0.34
N THR A 129 21.94 13.02 1.33
CA THR A 129 21.97 14.17 2.21
C THR A 129 22.80 15.37 1.72
N THR A 130 23.54 15.20 0.61
CA THR A 130 24.39 16.28 0.08
C THR A 130 23.79 16.78 -1.22
N ARG A 131 23.94 18.10 -1.46
CA ARG A 131 23.61 18.67 -2.76
C ARG A 131 24.33 18.00 -3.94
N GLU A 132 25.55 17.49 -3.75
CA GLU A 132 26.32 16.85 -4.81
C GLU A 132 25.75 15.50 -5.22
N ARG A 133 25.38 14.68 -4.24
CA ARG A 133 24.69 13.45 -4.53
C ARG A 133 23.35 13.69 -5.26
N ARG A 134 22.58 14.69 -4.83
CA ARG A 134 21.28 15.00 -5.48
C ARG A 134 21.46 15.55 -6.89
N HIS A 135 22.49 16.40 -7.09
CA HIS A 135 22.90 16.83 -8.45
C HIS A 135 23.22 15.61 -9.31
N MET A 136 23.98 14.67 -8.78
CA MET A 136 24.21 13.45 -9.53
C MET A 136 22.91 12.70 -9.95
N ILE A 137 21.98 12.47 -9.02
CA ILE A 137 20.68 11.84 -9.35
C ILE A 137 19.82 12.65 -10.37
N LEU A 138 19.85 13.97 -10.22
CA LEU A 138 19.16 14.89 -11.13
C LEU A 138 19.71 14.77 -12.57
N HIS A 139 21.05 14.76 -12.69
CA HIS A 139 21.71 14.51 -13.97
C HIS A 139 21.27 13.20 -14.58
N PHE A 140 21.26 12.16 -13.78
CA PHE A 140 20.76 10.87 -14.23
C PHE A 140 19.26 10.91 -14.70
N ALA A 141 18.38 11.59 -13.93
CA ALA A 141 16.97 11.64 -14.34
C ALA A 141 16.88 12.43 -15.69
N LYS A 142 17.55 13.60 -15.74
CA LYS A 142 17.53 14.44 -16.92
C LYS A 142 18.01 13.73 -18.20
N GLU A 143 19.11 13.00 -18.11
CA GLU A 143 19.67 12.26 -19.26
C GLU A 143 18.79 11.09 -19.65
N ASN A 144 17.94 10.64 -18.74
CA ASN A 144 17.03 9.57 -19.07
C ASN A 144 15.60 10.05 -19.37
N ASP A 145 15.39 11.35 -19.31
CA ASP A 145 14.04 11.86 -19.48
C ASP A 145 13.05 11.39 -18.39
N PHE A 146 13.56 11.35 -17.16
CA PHE A 146 12.80 10.90 -16.03
C PHE A 146 12.53 12.14 -15.28
N LYS A 147 11.35 12.20 -14.67
CA LYS A 147 11.03 13.27 -13.74
C LYS A 147 11.67 12.91 -12.43
N ALA A 148 11.87 13.93 -11.59
CA ALA A 148 12.42 13.73 -10.26
C ALA A 148 11.60 14.47 -9.22
N PHE A 149 11.20 13.72 -8.18
CA PHE A 149 10.43 14.27 -7.07
C PHE A 149 11.14 13.92 -5.74
N PHE A 150 11.36 14.89 -4.85
CA PHE A 150 12.13 14.57 -3.65
C PHE A 150 11.19 14.52 -2.45
N ILE A 151 11.44 13.55 -1.57
CA ILE A 151 10.78 13.49 -0.30
C ILE A 151 11.89 13.50 0.78
N GLU A 152 11.95 14.57 1.56
CA GLU A 152 12.88 14.64 2.69
C GLU A 152 12.10 14.43 4.00
N SER A 153 12.59 13.56 4.87
CA SER A 153 12.03 13.44 6.17
C SER A 153 12.99 14.08 7.18
N VAL A 154 12.49 15.13 7.84
CA VAL A 154 13.20 15.86 8.88
C VAL A 154 12.57 15.54 10.24
N CYS A 155 13.39 14.99 11.12
CA CYS A 155 12.94 14.69 12.47
C CYS A 155 14.04 14.85 13.50
N ASP A 156 13.97 15.90 14.28
CA ASP A 156 15.01 16.16 15.25
C ASP A 156 14.65 15.67 16.66
N ASP A 157 13.44 15.12 16.81
CA ASP A 157 12.95 14.62 18.09
C ASP A 157 13.66 13.32 18.56
N PRO A 158 14.44 13.38 19.69
CA PRO A 158 15.29 12.25 20.16
C PRO A 158 14.51 11.00 20.52
N THR A 159 13.30 11.19 21.04
CA THR A 159 12.36 10.11 21.36
C THR A 159 11.91 9.30 20.12
N VAL A 160 11.73 10.02 19.00
CA VAL A 160 11.23 9.38 17.78
C VAL A 160 12.37 8.59 17.15
N VAL A 161 13.53 9.23 17.07
CA VAL A 161 14.74 8.57 16.55
C VAL A 161 15.07 7.30 17.33
N ALA A 162 15.05 7.38 18.68
CA ALA A 162 15.33 6.20 19.55
C ALA A 162 14.33 5.05 19.29
N SER A 163 13.06 5.41 19.35
CA SER A 163 11.97 4.52 19.01
C SER A 163 12.09 3.93 17.60
N ASN A 164 12.44 4.75 16.59
CA ASN A 164 12.77 4.20 15.25
C ASN A 164 13.89 3.14 15.30
N ILE A 165 15.00 3.45 15.97
CA ILE A 165 16.10 2.47 16.18
C ILE A 165 15.62 1.14 16.83
N MET A 166 14.86 1.23 17.91
CA MET A 166 14.37 0.04 18.59
C MET A 166 13.46 -0.77 17.70
N GLU A 167 12.65 -0.08 16.91
CA GLU A 167 11.60 -0.75 16.17
C GLU A 167 12.11 -1.42 14.89
N VAL A 168 13.09 -0.81 14.23
CA VAL A 168 13.48 -1.38 12.93
C VAL A 168 14.95 -1.68 12.80
N LYS A 169 15.78 -0.98 13.56
CA LYS A 169 17.23 -1.07 13.35
C LYS A 169 17.85 -2.26 14.07
N ILE A 170 17.60 -2.40 15.36
CA ILE A 170 18.31 -3.39 16.24
C ILE A 170 18.10 -4.83 15.77
N SER A 171 16.88 -5.11 15.26
CA SER A 171 16.48 -6.40 14.63
C SER A 171 16.88 -6.54 13.16
N SER A 172 17.52 -5.51 12.60
CA SER A 172 18.08 -5.54 11.24
C SER A 172 19.12 -6.70 11.14
N PRO A 173 19.28 -7.30 9.94
CA PRO A 173 20.37 -8.30 9.78
C PRO A 173 21.79 -7.69 9.92
N ASP A 174 21.93 -6.36 9.81
CA ASP A 174 23.21 -5.68 10.09
C ASP A 174 23.67 -5.88 11.53
N TYR A 175 22.72 -6.00 12.44
CA TYR A 175 23.01 -6.19 13.84
C TYR A 175 22.73 -7.61 14.36
N LYS A 176 22.83 -8.64 13.51
CA LYS A 176 22.55 -10.00 13.99
C LYS A 176 23.49 -10.45 15.15
N ASP A 177 24.74 -9.98 15.11
CA ASP A 177 25.74 -10.31 16.13
C ASP A 177 25.76 -9.27 17.29
N CYS A 178 24.61 -8.63 17.51
CA CYS A 178 24.47 -7.56 18.51
C CYS A 178 23.33 -7.68 19.50
N ASN A 179 23.56 -7.15 20.69
CA ASN A 179 22.47 -6.90 21.60
C ASN A 179 21.96 -5.47 21.41
N SER A 180 20.79 -5.22 21.98
CA SER A 180 20.06 -3.97 21.84
C SER A 180 20.88 -2.73 22.20
N ALA A 181 21.50 -2.74 23.38
CA ALA A 181 22.23 -1.57 23.84
C ALA A 181 23.39 -1.24 22.93
N GLU A 182 24.06 -2.26 22.40
CA GLU A 182 25.19 -1.97 21.56
C GLU A 182 24.79 -1.63 20.12
N ALA A 183 23.65 -2.19 19.69
CA ALA A 183 23.02 -1.89 18.39
C ALA A 183 22.66 -0.40 18.35
N MET A 184 22.01 0.06 19.42
CA MET A 184 21.52 1.41 19.58
C MET A 184 22.66 2.40 19.57
N ASP A 185 23.72 2.04 20.24
CA ASP A 185 24.88 2.91 20.43
C ASP A 185 25.63 3.05 19.09
N ASP A 186 25.74 1.92 18.38
CA ASP A 186 26.37 1.91 17.06
C ASP A 186 25.58 2.82 16.10
N PHE A 187 24.25 2.77 16.21
CA PHE A 187 23.38 3.37 15.20
C PHE A 187 23.38 4.87 15.39
N MET A 188 23.41 5.30 16.64
CA MET A 188 23.60 6.71 17.01
C MET A 188 24.91 7.32 16.48
N LYS A 189 25.97 6.53 16.50
CA LYS A 189 27.25 7.03 15.98
C LYS A 189 27.22 7.06 14.46
N ARG A 190 26.57 6.05 13.88
CA ARG A 190 26.29 6.04 12.43
C ARG A 190 25.59 7.30 12.00
N ILE A 191 24.53 7.70 12.72
CA ILE A 191 23.79 8.90 12.39
C ILE A 191 24.71 10.12 12.44
N SER A 192 25.58 10.19 13.48
CA SER A 192 26.46 11.38 13.66
C SER A 192 27.45 11.52 12.50
N CYS A 193 27.87 10.40 11.91
CA CYS A 193 28.68 10.51 10.67
C CYS A 193 28.08 11.41 9.57
N TYR A 194 26.76 11.51 9.49
CA TYR A 194 26.14 12.21 8.35
C TYR A 194 25.89 13.68 8.62
N GLU A 195 25.94 14.06 9.89
CA GLU A 195 25.51 15.38 10.36
C GLU A 195 26.31 16.56 9.87
N ALA A 196 27.64 16.43 9.78
CA ALA A 196 28.43 17.56 9.31
C ALA A 196 28.16 17.95 7.86
N SER A 197 28.00 16.95 6.98
CA SER A 197 27.78 17.21 5.54
C SER A 197 26.31 17.30 5.16
N TYR A 198 25.39 17.06 6.11
CA TYR A 198 23.93 17.08 5.78
C TYR A 198 23.51 18.46 5.28
N GLN A 199 23.05 18.55 4.02
CA GLN A 199 22.46 19.76 3.45
C GLN A 199 20.97 19.58 3.18
N PRO A 200 20.10 19.97 4.14
CA PRO A 200 18.62 19.82 4.01
C PRO A 200 18.13 20.47 2.68
N LEU A 201 17.02 20.00 2.13
CA LEU A 201 16.49 20.66 0.94
C LEU A 201 16.15 22.11 1.28
N ASP A 202 16.40 23.01 0.34
CA ASP A 202 16.17 24.45 0.57
C ASP A 202 15.26 25.06 -0.51
N PRO A 203 13.95 24.83 -0.40
CA PRO A 203 13.06 25.27 -1.49
C PRO A 203 13.04 26.80 -1.70
N ASP A 204 13.43 27.55 -0.66
CA ASP A 204 13.27 29.02 -0.65
C ASP A 204 14.46 29.67 -1.28
N LYS A 205 15.49 28.87 -1.57
CA LYS A 205 16.69 29.34 -2.26
C LYS A 205 17.23 28.33 -3.28
N CYS A 206 18.29 27.63 -2.88
CA CYS A 206 19.03 26.67 -3.69
CA CYS A 206 19.02 26.71 -3.74
C CYS A 206 18.14 25.65 -4.42
N ASP A 207 17.12 25.15 -3.72
CA ASP A 207 16.27 24.08 -4.29
C ASP A 207 14.93 24.58 -4.86
N ARG A 208 14.84 25.89 -5.01
CA ARG A 208 13.75 26.64 -5.66
C ARG A 208 13.05 25.91 -6.80
N ASP A 209 13.81 25.19 -7.60
CA ASP A 209 13.34 24.66 -8.85
C ASP A 209 13.05 23.14 -8.77
N LEU A 210 13.27 22.56 -7.61
CA LEU A 210 13.03 21.13 -7.43
C LEU A 210 11.57 20.89 -6.99
N SER A 211 11.02 19.78 -7.43
CA SER A 211 9.71 19.29 -7.02
C SER A 211 9.94 18.45 -5.77
N LEU A 212 9.34 18.89 -4.67
CA LEU A 212 9.63 18.28 -3.40
C LEU A 212 8.52 18.44 -2.36
N ILE A 213 8.58 17.55 -1.39
CA ILE A 213 7.86 17.71 -0.16
C ILE A 213 8.86 17.46 0.97
N LYS A 214 8.88 18.36 1.95
CA LYS A 214 9.63 18.10 3.16
C LYS A 214 8.59 17.73 4.26
N VAL A 215 8.70 16.50 4.79
CA VAL A 215 7.85 15.98 5.86
C VAL A 215 8.60 16.26 7.21
N ILE A 216 8.00 17.07 8.08
CA ILE A 216 8.68 17.59 9.29
C ILE A 216 7.92 17.08 10.51
N ASP A 217 8.68 16.49 11.43
CA ASP A 217 8.18 16.06 12.77
C ASP A 217 7.01 15.12 12.68
N VAL A 218 7.31 14.02 12.01
CA VAL A 218 6.38 12.90 11.83
C VAL A 218 5.02 13.32 11.19
N GLY A 219 5.06 14.26 10.25
CA GLY A 219 3.87 14.70 9.54
C GLY A 219 3.10 15.85 10.20
N ARG A 220 3.71 16.60 11.09
CA ARG A 220 2.99 17.71 11.74
C ARG A 220 2.99 18.90 10.81
N ARG A 221 4.11 19.03 10.09
CA ARG A 221 4.31 20.14 9.19
C ARG A 221 4.88 19.64 7.84
N PHE A 222 4.47 20.30 6.76
CA PHE A 222 4.95 19.97 5.43
C PHE A 222 5.41 21.21 4.69
N LEU A 223 6.48 21.11 3.95
CA LEU A 223 6.73 22.11 2.92
C LEU A 223 6.62 21.43 1.54
N VAL A 224 5.86 22.02 0.61
CA VAL A 224 5.63 21.45 -0.72
C VAL A 224 5.99 22.48 -1.81
N ASN A 225 6.89 22.09 -2.73
CA ASN A 225 7.32 22.95 -3.82
C ASN A 225 7.15 22.29 -5.19
N ARG A 226 6.48 22.99 -6.11
CA ARG A 226 6.42 22.61 -7.54
C ARG A 226 5.93 21.23 -7.89
N VAL A 227 4.77 20.81 -7.39
CA VAL A 227 4.13 19.62 -7.85
C VAL A 227 3.88 19.80 -9.36
N GLN A 228 4.30 18.81 -10.15
CA GLN A 228 4.37 18.98 -11.58
C GLN A 228 3.22 18.29 -12.29
N ASP A 229 2.63 17.30 -11.64
CA ASP A 229 1.62 16.46 -12.33
C ASP A 229 0.73 15.74 -11.32
N HIS A 230 -0.15 14.90 -11.84
CA HIS A 230 -1.21 14.30 -11.00
C HIS A 230 -0.69 13.17 -10.11
N ILE A 231 0.38 12.50 -10.51
CA ILE A 231 0.97 11.46 -9.69
C ILE A 231 1.68 12.06 -8.50
N GLN A 232 2.46 13.12 -8.71
CA GLN A 232 3.04 13.87 -7.59
C GLN A 232 1.98 14.47 -6.66
N SER A 233 0.91 14.98 -7.24
CA SER A 233 -0.23 15.51 -6.53
C SER A 233 -0.87 14.42 -5.60
N ARG A 234 -1.05 13.20 -6.15
CA ARG A 234 -1.60 12.05 -5.40
C ARG A 234 -0.64 11.58 -4.29
N ILE A 235 0.68 11.66 -4.58
CA ILE A 235 1.73 11.24 -3.63
C ILE A 235 1.71 12.16 -2.43
N VAL A 236 1.69 13.44 -2.70
CA VAL A 236 1.67 14.43 -1.67
C VAL A 236 0.47 14.28 -0.76
N TYR A 237 -0.68 14.10 -1.39
CA TYR A 237 -1.95 13.92 -0.66
C TYR A 237 -1.89 12.74 0.33
N TYR A 238 -1.41 11.62 -0.18
CA TYR A 238 -1.16 10.40 0.58
C TYR A 238 -0.19 10.68 1.77
N LEU A 239 1.00 11.25 1.47
CA LEU A 239 2.00 11.50 2.52
C LEU A 239 1.47 12.39 3.59
N MET A 240 0.60 13.34 3.21
CA MET A 240 0.00 14.23 4.19
C MET A 240 -1.11 13.63 5.07
N ASN A 241 -1.54 12.41 4.78
CA ASN A 241 -2.68 11.77 5.50
C ASN A 241 -2.39 10.48 6.21
N ILE A 242 -1.14 10.08 6.22
CA ILE A 242 -0.68 8.90 6.97
C ILE A 242 -0.09 9.35 8.33
N HIS A 243 -0.10 8.47 9.33
CA HIS A 243 0.48 8.78 10.66
C HIS A 243 1.16 7.51 11.19
N VAL A 244 2.07 7.67 12.14
CA VAL A 244 2.80 6.48 12.56
C VAL A 244 2.24 5.80 13.79
N GLN A 245 1.33 6.44 14.51
CA GLN A 245 0.90 5.88 15.76
C GLN A 245 0.14 4.55 15.60
N PRO A 246 0.50 3.54 16.42
CA PRO A 246 -0.10 2.17 16.33
C PRO A 246 -1.64 2.09 16.47
N ARG A 247 -2.28 1.19 15.76
CA ARG A 247 -3.70 1.07 15.89
C ARG A 247 -4.10 -0.29 15.30
N THR A 248 -5.38 -0.62 15.38
CA THR A 248 -5.79 -1.91 14.84
C THR A 248 -6.89 -1.70 13.86
N ILE A 249 -6.87 -2.50 12.79
CA ILE A 249 -7.96 -2.56 11.85
C ILE A 249 -8.53 -3.98 11.84
N TYR A 250 -9.83 -4.11 12.11
CA TYR A 250 -10.51 -5.40 11.99
C TYR A 250 -11.34 -5.43 10.73
N LEU A 251 -11.27 -6.52 9.98
CA LEU A 251 -12.09 -6.63 8.78
C LEU A 251 -12.88 -7.92 8.83
N CYS A 252 -14.17 -7.84 8.54
CA CYS A 252 -14.92 -9.08 8.42
C CYS A 252 -16.07 -8.92 7.42
N ARG A 253 -16.58 -10.03 6.91
CA ARG A 253 -17.79 -10.00 6.14
C ARG A 253 -18.99 -9.83 7.06
N HIS A 254 -20.12 -9.41 6.45
CA HIS A 254 -21.43 -9.50 7.05
C HIS A 254 -21.61 -10.94 7.62
N GLY A 255 -22.36 -11.08 8.71
CA GLY A 255 -22.81 -12.42 9.12
C GLY A 255 -23.44 -13.10 7.94
N GLU A 256 -23.46 -14.44 7.91
CA GLU A 256 -24.09 -15.16 6.81
C GLU A 256 -25.48 -14.61 6.46
N ASN A 257 -25.81 -14.56 5.16
CA ASN A 257 -27.08 -14.03 4.75
C ASN A 257 -27.89 -15.10 3.99
N GLU A 258 -29.11 -14.76 3.59
CA GLU A 258 -29.99 -15.73 3.00
C GLU A 258 -29.56 -16.12 1.61
N HIS A 259 -28.98 -15.17 0.88
CA HIS A 259 -28.38 -15.53 -0.43
C HIS A 259 -27.16 -16.45 -0.31
N ASN A 260 -26.37 -16.32 0.76
CA ASN A 260 -25.29 -17.30 1.04
C ASN A 260 -25.96 -18.71 1.12
N LEU A 261 -26.95 -18.87 1.99
CA LEU A 261 -27.76 -20.12 2.09
C LEU A 261 -28.19 -20.69 0.76
N GLN A 262 -28.59 -19.83 -0.17
CA GLN A 262 -29.11 -20.26 -1.47
C GLN A 262 -28.06 -20.35 -2.55
N GLY A 263 -26.81 -19.96 -2.23
CA GLY A 263 -25.74 -19.81 -3.23
C GLY A 263 -26.11 -18.82 -4.34
N ARG A 264 -26.89 -17.78 -4.02
CA ARG A 264 -27.12 -16.73 -4.99
C ARG A 264 -26.16 -15.60 -4.67
N ILE A 265 -25.55 -15.03 -5.72
CA ILE A 265 -24.52 -13.97 -5.49
C ILE A 265 -25.20 -12.61 -5.40
N GLY A 266 -24.61 -11.76 -4.55
CA GLY A 266 -25.01 -10.37 -4.42
C GLY A 266 -26.37 -10.17 -3.77
N GLY A 267 -27.16 -9.31 -4.40
CA GLY A 267 -28.41 -8.84 -3.83
C GLY A 267 -28.24 -8.03 -2.57
N ASP A 268 -29.36 -7.86 -1.88
CA ASP A 268 -29.40 -7.11 -0.66
C ASP A 268 -30.19 -7.93 0.39
N SER A 269 -29.83 -9.23 0.57
CA SER A 269 -30.57 -10.13 1.46
C SER A 269 -30.22 -9.92 2.93
N GLY A 270 -31.02 -10.46 3.84
CA GLY A 270 -30.79 -10.18 5.27
C GLY A 270 -30.01 -11.33 5.90
N LEU A 271 -29.61 -11.15 7.14
CA LEU A 271 -28.88 -12.17 7.89
C LEU A 271 -29.76 -13.42 8.09
N SER A 272 -29.19 -14.60 7.88
CA SER A 272 -29.77 -15.83 8.37
C SER A 272 -29.63 -15.90 9.89
N SER A 273 -30.21 -16.95 10.50
CA SER A 273 -30.07 -17.15 11.95
C SER A 273 -28.63 -17.42 12.39
N ARG A 274 -27.83 -18.10 11.58
CA ARG A 274 -26.40 -18.22 11.90
C ARG A 274 -25.67 -16.86 11.73
N GLY A 275 -25.97 -16.13 10.62
CA GLY A 275 -25.45 -14.73 10.47
C GLY A 275 -25.75 -13.89 11.69
N LYS A 276 -26.94 -14.05 12.26
CA LYS A 276 -27.22 -13.32 13.52
C LYS A 276 -26.48 -13.85 14.74
N LYS A 277 -26.17 -15.15 14.77
CA LYS A 277 -25.31 -15.70 15.85
C LYS A 277 -23.91 -15.11 15.69
N PHE A 278 -23.41 -15.05 14.44
CA PHE A 278 -22.11 -14.34 14.23
C PHE A 278 -22.14 -12.93 14.76
N ALA A 279 -23.21 -12.20 14.44
CA ALA A 279 -23.31 -10.80 14.86
C ALA A 279 -23.22 -10.66 16.35
N SER A 280 -23.95 -11.51 17.11
CA SER A 280 -23.73 -11.51 18.61
C SER A 280 -22.33 -11.87 19.03
N ALA A 281 -21.74 -12.88 18.41
CA ALA A 281 -20.34 -13.24 18.74
C ALA A 281 -19.34 -12.10 18.41
N LEU A 282 -19.57 -11.43 17.25
CA LEU A 282 -18.74 -10.26 16.85
C LEU A 282 -18.82 -9.24 17.96
N SER A 283 -20.03 -9.01 18.41
CA SER A 283 -20.24 -8.15 19.58
C SER A 283 -19.42 -8.57 20.80
N LYS A 284 -19.40 -9.88 21.10
CA LYS A 284 -18.55 -10.34 22.24
C LYS A 284 -17.06 -10.24 21.91
N PHE A 285 -16.66 -10.61 20.69
CA PHE A 285 -15.26 -10.38 20.30
C PHE A 285 -14.83 -8.91 20.52
N VAL A 286 -15.63 -7.95 20.04
CA VAL A 286 -15.23 -6.57 20.14
C VAL A 286 -15.04 -6.16 21.60
N GLU A 287 -16.01 -6.53 22.43
CA GLU A 287 -15.95 -6.19 23.84
C GLU A 287 -14.69 -6.74 24.54
N GLU A 288 -14.36 -7.98 24.22
CA GLU A 288 -13.09 -8.55 24.69
C GLU A 288 -11.81 -7.81 24.21
N GLN A 289 -11.85 -7.16 23.04
CA GLN A 289 -10.70 -6.36 22.60
C GLN A 289 -10.48 -5.15 23.52
N ASN A 290 -11.55 -4.67 24.17
CA ASN A 290 -11.38 -3.70 25.24
C ASN A 290 -10.62 -2.44 24.70
N LEU A 291 -11.12 -1.91 23.59
CA LEU A 291 -10.48 -0.72 22.98
C LEU A 291 -11.12 0.55 23.53
N LYS A 292 -10.30 1.55 23.79
CA LYS A 292 -10.81 2.87 24.25
C LYS A 292 -11.92 3.40 23.32
N ASP A 293 -11.54 3.57 22.04
CA ASP A 293 -12.39 4.15 21.05
C ASP A 293 -12.25 3.18 19.91
N LEU A 294 -13.38 2.86 19.28
CA LEU A 294 -13.39 1.97 18.11
C LEU A 294 -14.39 2.49 17.10
N ARG A 295 -13.94 2.79 15.88
CA ARG A 295 -14.90 3.17 14.84
C ARG A 295 -15.43 1.97 14.11
N VAL A 296 -16.72 2.00 13.79
CA VAL A 296 -17.33 0.93 13.06
C VAL A 296 -17.86 1.42 11.72
N TRP A 297 -17.44 0.79 10.61
CA TRP A 297 -17.92 1.12 9.29
C TRP A 297 -18.60 -0.06 8.64
N THR A 298 -19.69 0.22 7.91
CA THR A 298 -20.46 -0.78 7.19
C THR A 298 -20.60 -0.32 5.74
N SER A 299 -21.10 -1.21 4.88
CA SER A 299 -21.57 -0.76 3.58
C SER A 299 -23.06 -0.24 3.69
N GLN A 300 -23.74 -0.07 2.58
CA GLN A 300 -25.14 0.31 2.63
C GLN A 300 -26.06 -0.91 2.39
N LEU A 301 -25.47 -2.10 2.35
CA LEU A 301 -26.26 -3.32 2.16
C LEU A 301 -26.68 -3.79 3.53
N LYS A 302 -27.92 -4.26 3.62
CA LYS A 302 -28.61 -4.62 4.88
C LYS A 302 -27.83 -5.60 5.80
N SER A 303 -27.22 -6.60 5.16
CA SER A 303 -26.50 -7.63 5.93
C SER A 303 -25.37 -7.06 6.75
N THR A 304 -24.66 -6.01 6.27
CA THR A 304 -23.61 -5.45 7.11
C THR A 304 -24.12 -4.63 8.25
N ILE A 305 -25.19 -3.90 7.96
CA ILE A 305 -25.83 -3.02 8.91
C ILE A 305 -26.52 -3.82 10.02
N GLN A 306 -27.24 -4.88 9.67
CA GLN A 306 -27.74 -5.82 10.71
C GLN A 306 -26.59 -6.32 11.59
N THR A 307 -25.49 -6.74 10.98
CA THR A 307 -24.33 -7.18 11.75
C THR A 307 -23.85 -6.11 12.71
N ALA A 308 -23.66 -4.87 12.24
CA ALA A 308 -23.21 -3.76 13.12
C ALA A 308 -24.21 -3.38 14.22
N GLU A 309 -25.50 -3.53 13.92
CA GLU A 309 -26.55 -3.26 14.93
C GLU A 309 -26.39 -4.10 16.23
N ALA A 310 -25.89 -5.34 16.08
CA ALA A 310 -25.62 -6.29 17.22
C ALA A 310 -24.57 -5.73 18.14
N LEU A 311 -23.76 -4.79 17.67
CA LEU A 311 -22.65 -4.23 18.46
C LEU A 311 -23.07 -3.15 19.41
N ARG A 312 -24.20 -2.50 19.14
CA ARG A 312 -24.61 -1.36 19.98
C ARG A 312 -23.52 -0.28 20.13
N LEU A 313 -22.78 -0.06 19.04
CA LEU A 313 -21.88 1.05 18.89
C LEU A 313 -22.37 1.94 17.72
N PRO A 314 -22.05 3.25 17.75
CA PRO A 314 -22.30 4.04 16.54
C PRO A 314 -21.54 3.46 15.32
N TYR A 315 -22.17 3.50 14.17
CA TYR A 315 -21.52 3.06 12.93
C TYR A 315 -21.86 4.00 11.78
N GLU A 316 -21.07 3.92 10.71
CA GLU A 316 -21.22 4.80 9.58
C GLU A 316 -21.26 3.91 8.33
N GLN A 317 -22.27 4.13 7.47
CA GLN A 317 -22.42 3.44 6.19
C GLN A 317 -21.71 4.15 5.03
N TRP A 318 -20.96 3.38 4.24
CA TRP A 318 -20.29 3.79 3.01
C TRP A 318 -20.84 3.00 1.86
N LYS A 319 -21.35 3.69 0.85
CA LYS A 319 -21.74 3.04 -0.40
C LYS A 319 -20.53 2.44 -1.08
N ALA A 320 -19.37 3.06 -0.92
CA ALA A 320 -18.11 2.55 -1.49
C ALA A 320 -17.72 1.13 -0.92
N LEU A 321 -18.31 0.72 0.19
CA LEU A 321 -18.06 -0.63 0.79
C LEU A 321 -18.98 -1.73 0.33
N ASN A 322 -19.98 -1.40 -0.52
CA ASN A 322 -20.94 -2.36 -1.03
C ASN A 322 -20.16 -3.40 -1.83
N GLU A 323 -20.76 -4.57 -1.94
CA GLU A 323 -20.21 -5.73 -2.56
C GLU A 323 -20.06 -5.43 -4.03
N ILE A 324 -19.13 -6.12 -4.72
CA ILE A 324 -18.99 -6.01 -6.15
C ILE A 324 -20.40 -6.15 -6.86
N ASP A 325 -20.65 -5.32 -7.88
CA ASP A 325 -21.88 -5.39 -8.61
C ASP A 325 -21.76 -6.44 -9.72
N ALA A 326 -22.48 -7.55 -9.57
CA ALA A 326 -22.46 -8.61 -10.59
C ALA A 326 -23.30 -8.32 -11.85
N GLY A 327 -23.91 -7.13 -11.94
CA GLY A 327 -24.62 -6.66 -13.14
C GLY A 327 -25.71 -7.65 -13.55
N VAL A 328 -25.67 -8.16 -14.77
CA VAL A 328 -26.69 -9.17 -15.19
C VAL A 328 -26.70 -10.50 -14.37
N CYS A 329 -25.60 -10.80 -13.66
CA CYS A 329 -25.50 -12.04 -12.87
C CYS A 329 -26.00 -11.87 -11.45
N GLU A 330 -26.45 -10.67 -11.09
CA GLU A 330 -26.84 -10.40 -9.73
C GLU A 330 -27.95 -11.37 -9.41
N GLU A 331 -27.88 -12.01 -8.22
CA GLU A 331 -29.00 -12.83 -7.66
C GLU A 331 -29.10 -14.25 -8.23
N LEU A 332 -28.24 -14.56 -9.20
CA LEU A 332 -28.10 -15.88 -9.80
C LEU A 332 -27.21 -16.79 -8.94
N THR A 333 -27.44 -18.11 -9.02
CA THR A 333 -26.52 -19.08 -8.36
C THR A 333 -25.36 -19.30 -9.30
N TYR A 334 -24.23 -19.83 -8.79
CA TYR A 334 -23.10 -20.09 -9.71
C TYR A 334 -23.44 -21.13 -10.78
N GLU A 335 -24.40 -22.01 -10.48
CA GLU A 335 -24.91 -22.99 -11.43
C GLU A 335 -25.70 -22.34 -12.57
N GLU A 336 -26.62 -21.44 -12.23
CA GLU A 336 -27.31 -20.67 -13.26
C GLU A 336 -26.39 -19.76 -14.07
N ILE A 337 -25.27 -19.32 -13.50
CA ILE A 337 -24.28 -18.51 -14.24
C ILE A 337 -23.57 -19.37 -15.30
N ARG A 338 -22.95 -20.48 -14.87
CA ARG A 338 -22.38 -21.50 -15.78
C ARG A 338 -23.36 -21.87 -16.94
N ASP A 339 -24.64 -22.02 -16.62
CA ASP A 339 -25.60 -22.49 -17.62
C ASP A 339 -26.04 -21.39 -18.58
N THR A 340 -26.38 -20.20 -18.05
CA THR A 340 -26.87 -19.08 -18.88
C THR A 340 -25.76 -18.28 -19.56
N TYR A 341 -24.57 -18.28 -18.97
CA TYR A 341 -23.45 -17.44 -19.41
C TYR A 341 -22.15 -18.21 -19.35
N PRO A 342 -22.08 -19.42 -20.00
CA PRO A 342 -20.86 -20.22 -19.90
C PRO A 342 -19.63 -19.42 -20.30
N GLU A 343 -19.81 -18.56 -21.30
CA GLU A 343 -18.74 -17.77 -21.86
C GLU A 343 -18.21 -16.72 -20.84
N GLU A 344 -19.15 -16.05 -20.15
CA GLU A 344 -18.84 -15.10 -19.08
C GLU A 344 -18.16 -15.77 -17.90
N TYR A 345 -18.68 -16.95 -17.53
CA TYR A 345 -18.09 -17.76 -16.45
C TYR A 345 -16.57 -18.07 -16.68
N ALA A 346 -16.27 -18.49 -17.90
CA ALA A 346 -14.93 -18.87 -18.32
C ALA A 346 -14.00 -17.67 -18.50
N LEU A 347 -14.50 -16.54 -19.01
CA LEU A 347 -13.69 -15.32 -19.08
C LEU A 347 -13.25 -14.86 -17.68
N ARG A 348 -14.18 -14.91 -16.74
CA ARG A 348 -13.93 -14.54 -15.35
C ARG A 348 -12.87 -15.43 -14.71
N GLU A 349 -13.05 -16.76 -14.83
CA GLU A 349 -12.09 -17.71 -14.28
C GLU A 349 -10.63 -17.52 -14.77
N GLN A 350 -10.44 -17.09 -16.01
CA GLN A 350 -9.10 -16.88 -16.53
C GLN A 350 -8.50 -15.49 -16.34
N ASP A 351 -9.30 -14.52 -15.89
CA ASP A 351 -8.76 -13.18 -15.72
C ASP A 351 -9.62 -12.42 -14.73
N LYS A 352 -9.55 -12.88 -13.49
CA LYS A 352 -10.51 -12.60 -12.47
C LYS A 352 -10.46 -11.19 -11.90
N TYR A 353 -9.30 -10.56 -11.93
CA TYR A 353 -9.14 -9.22 -11.47
C TYR A 353 -9.74 -8.19 -12.45
N TYR A 354 -9.45 -8.36 -13.75
CA TYR A 354 -9.79 -7.40 -14.80
C TYR A 354 -11.18 -7.62 -15.35
N TYR A 355 -11.69 -8.84 -15.15
CA TYR A 355 -13.00 -9.22 -15.63
C TYR A 355 -14.14 -8.34 -15.08
N ARG A 356 -14.98 -7.84 -15.98
CA ARG A 356 -16.13 -7.09 -15.55
C ARG A 356 -17.39 -7.88 -15.86
N TYR A 357 -18.32 -7.96 -14.91
CA TYR A 357 -19.62 -8.58 -15.21
C TYR A 357 -20.38 -7.65 -16.15
N PRO A 358 -21.20 -8.21 -17.09
CA PRO A 358 -21.91 -7.27 -17.99
C PRO A 358 -22.83 -6.33 -17.20
N THR A 359 -22.68 -5.04 -17.42
CA THR A 359 -23.38 -3.97 -16.69
C THR A 359 -23.02 -3.96 -15.18
N GLY A 360 -21.89 -4.56 -14.81
CA GLY A 360 -21.48 -4.63 -13.40
C GLY A 360 -20.05 -4.22 -13.21
N GLU A 361 -19.37 -4.87 -12.29
CA GLU A 361 -18.01 -4.41 -11.92
C GLU A 361 -16.94 -5.49 -12.04
N SER A 362 -15.70 -5.02 -12.07
CA SER A 362 -14.46 -5.82 -11.84
C SER A 362 -13.91 -5.51 -10.45
N TYR A 363 -13.00 -6.35 -9.91
CA TYR A 363 -12.13 -6.03 -8.77
C TYR A 363 -11.37 -4.73 -9.02
N GLN A 364 -10.95 -4.51 -10.27
CA GLN A 364 -10.31 -3.26 -10.64
C GLN A 364 -11.19 -2.04 -10.37
N ASP A 365 -12.48 -2.12 -10.72
CA ASP A 365 -13.45 -1.07 -10.41
C ASP A 365 -13.57 -0.83 -8.89
N LEU A 366 -13.53 -1.92 -8.15
CA LEU A 366 -13.60 -1.92 -6.68
C LEU A 366 -12.50 -1.10 -6.04
N VAL A 367 -11.27 -1.39 -6.44
CA VAL A 367 -10.11 -0.64 -6.07
C VAL A 367 -10.34 0.86 -6.23
N GLN A 368 -10.84 1.31 -7.40
CA GLN A 368 -11.05 2.75 -7.61
CA GLN A 368 -11.09 2.75 -7.65
C GLN A 368 -12.10 3.31 -6.66
N ARG A 369 -13.22 2.58 -6.45
CA ARG A 369 -14.30 2.97 -5.52
C ARG A 369 -13.76 3.03 -4.08
N LEU A 370 -12.84 2.14 -3.77
CA LEU A 370 -12.31 2.00 -2.38
C LEU A 370 -11.17 2.98 -2.06
N GLU A 371 -10.63 3.67 -3.06
CA GLU A 371 -9.52 4.62 -2.80
C GLU A 371 -9.78 5.58 -1.60
N PRO A 372 -10.96 6.28 -1.57
CA PRO A 372 -11.24 7.17 -0.44
C PRO A 372 -11.43 6.47 0.90
N VAL A 373 -11.92 5.22 0.90
CA VAL A 373 -12.02 4.37 2.08
C VAL A 373 -10.63 4.11 2.65
N ILE A 374 -9.68 3.78 1.79
CA ILE A 374 -8.30 3.55 2.18
C ILE A 374 -7.64 4.85 2.75
N MET A 375 -7.82 5.99 2.05
CA MET A 375 -7.31 7.30 2.52
C MET A 375 -7.91 7.63 3.87
N GLU A 376 -9.23 7.45 4.02
CA GLU A 376 -9.76 7.75 5.36
C GLU A 376 -9.24 6.73 6.44
N LEU A 377 -9.11 5.45 6.10
CA LEU A 377 -8.55 4.47 7.05
C LEU A 377 -7.15 4.88 7.54
N GLU A 378 -6.34 5.47 6.65
CA GLU A 378 -5.04 6.01 7.04
C GLU A 378 -5.17 7.10 8.10
N ARG A 379 -6.25 7.89 8.03
CA ARG A 379 -6.46 8.97 9.00
C ARG A 379 -6.97 8.46 10.36
N GLN A 380 -7.58 7.27 10.39
CA GLN A 380 -8.24 6.77 11.61
C GLN A 380 -7.30 6.10 12.59
N GLU A 381 -7.85 5.75 13.75
CA GLU A 381 -7.10 4.94 14.72
C GLU A 381 -7.69 3.53 14.65
N ASN A 382 -8.38 3.06 15.68
CA ASN A 382 -8.97 1.73 15.63
C ASN A 382 -10.25 1.67 14.82
N VAL A 383 -10.35 0.74 13.89
CA VAL A 383 -11.55 0.67 13.02
C VAL A 383 -11.95 -0.76 12.74
N LEU A 384 -13.24 -1.05 12.83
CA LEU A 384 -13.78 -2.33 12.38
C LEU A 384 -14.61 -2.06 11.12
N VAL A 385 -14.25 -2.74 10.03
CA VAL A 385 -14.94 -2.63 8.78
C VAL A 385 -15.74 -3.92 8.52
N ILE A 386 -17.07 -3.80 8.53
CA ILE A 386 -17.98 -4.92 8.24
C ILE A 386 -18.40 -4.80 6.80
N CYS A 387 -17.97 -5.74 5.97
CA CYS A 387 -18.18 -5.57 4.57
C CYS A 387 -18.55 -6.83 3.85
N HIS A 388 -17.93 -7.09 2.70
CA HIS A 388 -18.33 -8.08 1.69
C HIS A 388 -17.10 -8.73 1.12
N GLN A 389 -17.25 -9.98 0.68
CA GLN A 389 -16.13 -10.80 0.19
C GLN A 389 -15.13 -10.08 -0.76
N ALA A 390 -15.64 -9.55 -1.88
CA ALA A 390 -14.79 -8.95 -2.87
C ALA A 390 -14.14 -7.68 -2.33
N VAL A 391 -14.90 -6.88 -1.59
CA VAL A 391 -14.41 -5.68 -0.88
C VAL A 391 -13.27 -5.98 0.09
N LEU A 392 -13.49 -6.99 0.94
CA LEU A 392 -12.57 -7.37 1.94
C LEU A 392 -11.23 -7.82 1.31
N ARG A 393 -11.32 -8.62 0.27
CA ARG A 393 -10.16 -8.99 -0.43
C ARG A 393 -9.37 -7.81 -0.95
N CYS A 394 -10.07 -6.86 -1.56
CA CYS A 394 -9.41 -5.63 -2.08
CA CYS A 394 -9.43 -5.64 -2.09
C CYS A 394 -8.70 -4.86 -1.00
N LEU A 395 -9.35 -4.66 0.15
CA LEU A 395 -8.76 -4.00 1.31
C LEU A 395 -7.56 -4.76 1.90
N LEU A 396 -7.73 -6.06 2.09
CA LEU A 396 -6.64 -6.95 2.52
C LEU A 396 -5.42 -6.85 1.59
N ALA A 397 -5.63 -6.88 0.26
CA ALA A 397 -4.52 -6.74 -0.68
C ALA A 397 -3.74 -5.45 -0.48
N TYR A 398 -4.42 -4.37 -0.12
CA TYR A 398 -3.75 -3.12 0.08
C TYR A 398 -2.92 -3.27 1.37
N PHE A 399 -3.56 -3.67 2.48
CA PHE A 399 -2.84 -3.82 3.74
C PHE A 399 -1.69 -4.85 3.76
N LEU A 400 -1.84 -5.93 3.00
CA LEU A 400 -0.85 -7.01 2.95
C LEU A 400 -0.02 -7.01 1.69
N ASP A 401 -0.18 -5.98 0.85
CA ASP A 401 0.65 -5.81 -0.33
C ASP A 401 0.56 -7.06 -1.20
N LYS A 402 -0.66 -7.47 -1.51
CA LYS A 402 -0.92 -8.56 -2.46
C LYS A 402 -1.18 -7.98 -3.82
N SER A 403 -0.72 -8.67 -4.87
CA SER A 403 -0.84 -8.15 -6.20
C SER A 403 -2.30 -8.28 -6.66
N ALA A 404 -2.57 -7.58 -7.77
CA ALA A 404 -3.82 -7.63 -8.49
C ALA A 404 -4.20 -9.07 -8.85
N GLU A 405 -3.25 -9.84 -9.38
CA GLU A 405 -3.54 -11.20 -9.80
C GLU A 405 -3.93 -12.11 -8.60
N GLU A 406 -3.33 -11.90 -7.43
CA GLU A 406 -3.72 -12.71 -6.28
C GLU A 406 -4.96 -12.21 -5.49
N MET A 407 -5.16 -10.88 -5.48
CA MET A 407 -6.32 -10.23 -4.79
C MET A 407 -7.66 -11.01 -4.80
N PRO A 408 -8.19 -11.40 -5.98
CA PRO A 408 -9.51 -12.09 -6.06
C PRO A 408 -9.58 -13.51 -5.53
N TYR A 409 -8.46 -14.02 -5.00
CA TYR A 409 -8.35 -15.37 -4.44
C TYR A 409 -7.98 -15.34 -2.95
N LEU A 410 -7.65 -14.17 -2.38
CA LEU A 410 -7.35 -14.09 -0.97
C LEU A 410 -8.47 -14.76 -0.18
N LYS A 411 -8.10 -15.42 0.94
CA LYS A 411 -9.04 -16.21 1.74
C LYS A 411 -9.71 -15.38 2.79
N CYS A 412 -11.03 -15.31 2.68
CA CYS A 412 -11.81 -14.29 3.41
C CYS A 412 -13.16 -15.11 3.79
N PRO A 413 -13.06 -16.19 4.63
CA PRO A 413 -14.30 -16.91 4.91
C PRO A 413 -15.29 -16.11 5.80
N LEU A 414 -16.55 -16.54 5.78
CA LEU A 414 -17.59 -16.00 6.64
C LEU A 414 -17.20 -16.19 8.08
N HIS A 415 -17.64 -15.28 8.95
CA HIS A 415 -17.65 -15.45 10.38
C HIS A 415 -16.25 -15.41 11.00
N THR A 416 -15.32 -14.78 10.28
CA THR A 416 -13.91 -14.71 10.63
C THR A 416 -13.46 -13.25 10.57
N VAL A 417 -12.92 -12.75 11.68
CA VAL A 417 -12.30 -11.46 11.73
C VAL A 417 -10.82 -11.54 11.30
N LEU A 418 -10.42 -10.60 10.42
CA LEU A 418 -9.00 -10.41 10.14
C LEU A 418 -8.53 -9.19 10.86
N LYS A 419 -7.55 -9.40 11.73
CA LYS A 419 -7.01 -8.36 12.59
C LYS A 419 -5.60 -8.00 12.14
N LEU A 420 -5.45 -6.72 11.83
CA LEU A 420 -4.26 -6.17 11.17
C LEU A 420 -3.59 -5.20 12.12
N THR A 421 -2.30 -5.44 12.36
CA THR A 421 -1.58 -4.65 13.33
C THR A 421 -0.24 -4.32 12.65
N PRO A 422 0.33 -3.14 12.99
CA PRO A 422 1.59 -2.67 12.41
C PRO A 422 2.70 -3.48 13.02
N VAL A 423 3.57 -4.02 12.18
CA VAL A 423 4.83 -4.52 12.67
C VAL A 423 5.91 -4.10 11.67
N ALA A 424 6.88 -3.31 12.13
CA ALA A 424 8.05 -2.86 11.35
C ALA A 424 7.70 -2.00 10.11
N TYR A 425 7.74 -2.57 8.92
CA TYR A 425 7.48 -1.81 7.70
C TYR A 425 6.16 -2.27 7.04
N GLY A 426 5.21 -2.78 7.81
CA GLY A 426 3.97 -3.29 7.22
C GLY A 426 2.99 -3.65 8.27
N CYS A 427 2.12 -4.57 7.88
CA CYS A 427 0.98 -5.07 8.65
C CYS A 427 1.10 -6.55 8.79
N ARG A 428 0.78 -7.01 9.98
CA ARG A 428 0.62 -8.41 10.31
C ARG A 428 -0.92 -8.68 10.29
N VAL A 429 -1.34 -9.83 9.77
CA VAL A 429 -2.72 -10.28 9.89
C VAL A 429 -2.85 -11.46 10.89
N GLU A 430 -3.77 -11.34 11.85
CA GLU A 430 -4.27 -12.49 12.61
C GLU A 430 -5.73 -12.81 12.27
N SER A 431 -6.00 -14.08 11.97
CA SER A 431 -7.37 -14.60 11.78
C SER A 431 -8.02 -15.00 13.12
N ILE A 432 -9.25 -14.54 13.39
CA ILE A 432 -10.02 -14.98 14.54
C ILE A 432 -11.37 -15.45 14.04
N TYR A 433 -11.53 -16.78 14.03
CA TYR A 433 -12.79 -17.42 13.69
C TYR A 433 -13.71 -17.31 14.91
N LEU A 434 -14.94 -16.86 14.68
CA LEU A 434 -15.83 -16.63 15.81
C LEU A 434 -16.78 -17.84 16.14
N ASN A 435 -16.45 -19.02 15.64
CA ASN A 435 -17.07 -20.24 16.07
C ASN A 435 -18.60 -20.29 15.85
N VAL A 436 -19.02 -19.93 14.63
CA VAL A 436 -20.40 -19.94 14.22
C VAL A 436 -20.34 -20.45 12.82
N GLU A 437 -21.02 -21.56 12.60
CA GLU A 437 -21.08 -22.19 11.29
C GLU A 437 -21.73 -21.33 10.21
N SER A 438 -21.50 -21.70 8.96
CA SER A 438 -21.97 -20.95 7.86
C SER A 438 -21.87 -21.89 6.67
N VAL A 439 -22.58 -21.59 5.58
CA VAL A 439 -22.39 -22.34 4.33
C VAL A 439 -20.92 -22.27 3.97
N CYS A 440 -20.53 -23.04 2.98
CA CYS A 440 -19.14 -22.96 2.54
C CYS A 440 -18.94 -22.19 1.23
#